data_4P9M
#
_entry.id   4P9M
#
_cell.length_a   66.482
_cell.length_b   66.482
_cell.length_c   219.034
_cell.angle_alpha   90.00
_cell.angle_beta   90.00
_cell.angle_gamma   90.00
#
_symmetry.space_group_name_H-M   'P 41 21 2'
#
loop_
_entity.id
_entity.type
_entity.pdbx_description
1 polymer '8ANC195 light chain'
2 polymer '8ANC195 Fab heavy chain'
3 non-polymer 2-acetamido-2-deoxy-beta-D-glucopyranose
4 water water
#
loop_
_entity_poly.entity_id
_entity_poly.type
_entity_poly.pdbx_seq_one_letter_code
_entity_poly.pdbx_strand_id
1 'polypeptide(L)'
;DIQMTQSPSTLSASIGDTVRISCRASQSITGNWVAWYQQRPGKAPRLLIYRGAALLGGVPSRFSGSAAGTDFTLTIGNLQ
AEDFGTFYCQQYDTYPGTFGQGTKVEVKRTVAAPSVFIFPPSDEQLKSGTASVVCLLNNFYPREAKVQWKVDNALQSGNS
QESVTEQDSKDSTYSLSSTLTLSKADYEKHKVYACEVTHQGLSSPVTKSFNRGEC
;
L
2 'polypeptide(L)'
;QIHLVQSGTEVKKPGSSVTVSCKAYGVNTFGLYAVNWVRQAPGQSLEYIGQIWRWKSSASHHFRGRVLISAVDLTGSSPP
ISSLEIKNLTSDDTAVYFCTTTSTYDKWSGLHHDGVMAFSSWGQGTLISVSAASTKGPSVFPLAPSSKSTSGGTAALGCL
VKDYFPEPVTVSWNSGALTSGVHTFPAVLQSSGLYSLSSVVTVPSSSLGTQTYICNVNHKPSNTKVDKRVEPKSCDKTHH
HHHH
;
H
#
loop_
_chem_comp.id
_chem_comp.type
_chem_comp.name
_chem_comp.formula
NAG D-saccharide, beta linking 2-acetamido-2-deoxy-beta-D-glucopyranose 'C8 H15 N O6'
#
# COMPACT_ATOMS: atom_id res chain seq x y z
N ASP A 1 8.65 -20.40 -15.79
CA ASP A 1 7.33 -20.03 -15.32
C ASP A 1 6.65 -19.18 -16.39
N ILE A 2 5.31 -19.16 -16.41
CA ILE A 2 4.59 -18.32 -17.35
C ILE A 2 4.61 -16.87 -16.88
N GLN A 3 4.92 -15.95 -17.78
CA GLN A 3 4.85 -14.53 -17.44
C GLN A 3 3.53 -13.95 -17.89
N MET A 4 2.92 -13.15 -17.02
CA MET A 4 1.69 -12.45 -17.34
C MET A 4 1.99 -10.96 -17.42
N THR A 5 1.85 -10.33 -18.58
CA THR A 5 2.11 -8.89 -18.58
C THR A 5 0.81 -8.10 -18.77
N GLN A 6 0.53 -7.28 -17.79
CA GLN A 6 -0.78 -6.66 -17.67
C GLN A 6 -0.79 -5.23 -18.24
N SER A 7 -1.92 -4.83 -18.81
CA SER A 7 -2.10 -3.59 -19.57
C SER A 7 -3.48 -2.98 -19.34
N PRO A 8 -3.56 -1.65 -19.13
CA PRO A 8 -2.49 -0.68 -18.87
C PRO A 8 -2.12 -0.68 -17.39
N SER A 9 -1.12 0.09 -16.98
CA SER A 9 -0.77 0.15 -15.56
C SER A 9 -1.79 0.93 -14.73
N THR A 10 -2.39 1.97 -15.31
CA THR A 10 -3.45 2.73 -14.66
C THR A 10 -4.48 3.16 -15.70
N LEU A 11 -5.75 3.26 -15.30
CA LEU A 11 -6.69 3.95 -16.15
C LEU A 11 -7.69 4.74 -15.32
N SER A 12 -8.12 5.87 -15.88
CA SER A 12 -9.04 6.77 -15.21
C SER A 12 -10.41 6.57 -15.81
N ALA A 13 -11.43 6.44 -14.97
CA ALA A 13 -12.78 6.29 -15.52
C ALA A 13 -13.84 6.96 -14.65
N SER A 14 -15.05 7.05 -15.18
CA SER A 14 -16.18 7.64 -14.47
C SER A 14 -17.18 6.57 -14.08
N ILE A 15 -18.02 6.89 -13.09
CA ILE A 15 -19.15 6.04 -12.77
C ILE A 15 -20.03 5.83 -14.01
N GLY A 16 -20.39 4.58 -14.28
CA GLY A 16 -21.22 4.27 -15.43
C GLY A 16 -20.47 3.90 -16.71
N ASP A 17 -19.15 4.10 -16.70
CA ASP A 17 -18.31 3.74 -17.85
C ASP A 17 -18.23 2.22 -18.05
N THR A 18 -17.72 1.84 -19.21
CA THR A 18 -17.29 0.47 -19.44
C THR A 18 -15.77 0.50 -19.55
N VAL A 19 -15.12 -0.44 -18.86
CA VAL A 19 -13.68 -0.44 -18.75
C VAL A 19 -13.08 -1.78 -19.17
N ARG A 20 -11.92 -1.77 -19.83
CA ARG A 20 -11.23 -3.01 -20.21
C ARG A 20 -9.77 -3.09 -19.75
N ILE A 21 -9.44 -4.21 -19.10
CA ILE A 21 -8.10 -4.43 -18.59
C ILE A 21 -7.60 -5.70 -19.23
N SER A 22 -6.36 -5.70 -19.69
CA SER A 22 -5.89 -6.85 -20.46
C SER A 22 -4.61 -7.47 -19.92
N CYS A 23 -4.41 -8.74 -20.24
CA CYS A 23 -3.27 -9.50 -19.74
C CYS A 23 -2.77 -10.45 -20.83
N ARG A 24 -1.51 -10.30 -21.24
CA ARG A 24 -0.94 -11.22 -22.23
C ARG A 24 -0.04 -12.25 -21.54
N ALA A 25 -0.39 -13.53 -21.72
CA ALA A 25 0.42 -14.64 -21.21
C ALA A 25 1.57 -14.93 -22.17
N SER A 26 2.75 -15.22 -21.62
CA SER A 26 3.92 -15.54 -22.42
C SER A 26 3.82 -16.87 -23.20
N GLN A 27 2.89 -17.74 -22.80
CA GLN A 27 2.53 -18.94 -23.58
C GLN A 27 1.01 -19.07 -23.75
N SER A 28 0.55 -19.85 -24.74
CA SER A 28 -0.86 -20.18 -24.91
C SER A 28 -1.40 -20.91 -23.69
N ILE A 29 -2.66 -20.67 -23.35
CA ILE A 29 -3.31 -21.38 -22.24
C ILE A 29 -4.60 -21.99 -22.76
N THR A 30 -4.48 -23.23 -23.25
CA THR A 30 -5.57 -23.92 -23.92
C THR A 30 -6.81 -24.08 -23.03
N GLY A 31 -6.57 -24.45 -21.80
CA GLY A 31 -7.59 -24.67 -20.80
C GLY A 31 -8.28 -23.43 -20.25
N ASN A 32 -7.79 -22.26 -20.59
CA ASN A 32 -8.30 -21.03 -20.03
C ASN A 32 -8.15 -20.94 -18.52
N TRP A 33 -7.04 -21.42 -18.01
CA TRP A 33 -6.81 -21.44 -16.59
C TRP A 33 -6.28 -20.07 -16.11
N VAL A 34 -7.16 -19.09 -16.13
CA VAL A 34 -6.86 -17.72 -15.76
C VAL A 34 -7.90 -17.19 -14.77
N ALA A 35 -7.48 -16.39 -13.81
CA ALA A 35 -8.36 -15.79 -12.82
C ALA A 35 -8.16 -14.27 -12.65
N TRP A 36 -9.21 -13.56 -12.25
CA TRP A 36 -9.11 -12.12 -11.98
C TRP A 36 -9.54 -11.80 -10.55
N TYR A 37 -8.78 -10.91 -9.91
CA TYR A 37 -9.03 -10.48 -8.53
C TYR A 37 -9.14 -8.95 -8.44
N GLN A 38 -9.83 -8.46 -7.42
CA GLN A 38 -9.84 -7.04 -7.07
C GLN A 38 -9.20 -6.82 -5.72
N GLN A 39 -8.40 -5.78 -5.58
CA GLN A 39 -7.90 -5.43 -4.26
C GLN A 39 -8.11 -3.95 -4.00
N ARG A 40 -8.82 -3.64 -2.92
CA ARG A 40 -9.01 -2.26 -2.50
C ARG A 40 -7.97 -1.92 -1.43
N PRO A 41 -7.55 -0.64 -1.40
CA PRO A 41 -6.42 -0.25 -0.55
C PRO A 41 -6.61 -0.65 0.91
N GLY A 42 -5.69 -1.45 1.43
CA GLY A 42 -5.71 -1.84 2.83
C GLY A 42 -6.29 -3.21 3.07
N LYS A 43 -6.83 -3.84 2.03
CA LYS A 43 -7.61 -5.08 2.16
C LYS A 43 -7.05 -6.28 1.36
N ALA A 44 -7.59 -7.47 1.61
CA ALA A 44 -7.15 -8.66 0.91
C ALA A 44 -7.80 -8.71 -0.45
N PRO A 45 -7.13 -9.31 -1.45
CA PRO A 45 -7.76 -9.44 -2.76
C PRO A 45 -9.03 -10.28 -2.66
N ARG A 46 -9.91 -10.18 -3.66
CA ARG A 46 -11.09 -11.02 -3.77
C ARG A 46 -11.19 -11.63 -5.16
N LEU A 47 -11.47 -12.93 -5.24
CA LEU A 47 -11.65 -13.57 -6.55
C LEU A 47 -12.95 -13.11 -7.22
N LEU A 48 -12.87 -12.66 -8.47
CA LEU A 48 -14.06 -12.24 -9.20
C LEU A 48 -14.48 -13.22 -10.30
N ILE A 49 -13.50 -13.66 -11.08
CA ILE A 49 -13.72 -14.55 -12.21
C ILE A 49 -12.64 -15.63 -12.24
N TYR A 50 -13.02 -16.87 -12.57
CA TYR A 50 -12.06 -17.96 -12.71
C TYR A 50 -12.32 -18.69 -14.02
N ARG A 51 -11.38 -19.51 -14.45
CA ARG A 51 -11.46 -20.19 -15.72
C ARG A 51 -11.72 -19.26 -16.89
N GLY A 52 -11.12 -18.08 -16.87
CA GLY A 52 -11.33 -17.14 -17.92
C GLY A 52 -12.63 -16.36 -17.94
N ALA A 53 -13.76 -17.05 -17.81
CA ALA A 53 -15.06 -16.40 -17.93
C ALA A 53 -16.11 -16.69 -16.86
N ALA A 54 -15.82 -17.56 -15.91
CA ALA A 54 -16.81 -17.94 -14.94
C ALA A 54 -16.88 -16.98 -13.77
N LEU A 55 -18.06 -16.51 -13.45
CA LEU A 55 -18.28 -15.62 -12.31
C LEU A 55 -18.40 -16.38 -11.01
N LEU A 56 -17.63 -16.01 -10.01
CA LEU A 56 -17.78 -16.63 -8.69
C LEU A 56 -19.09 -16.20 -8.02
N GLY A 57 -19.63 -17.05 -7.17
CA GLY A 57 -20.88 -16.78 -6.47
C GLY A 57 -20.81 -15.49 -5.69
N GLY A 58 -21.73 -14.57 -5.97
CA GLY A 58 -21.84 -13.33 -5.23
C GLY A 58 -21.19 -12.13 -5.92
N VAL A 59 -20.56 -12.36 -7.06
CA VAL A 59 -19.92 -11.29 -7.80
C VAL A 59 -20.89 -10.69 -8.82
N PRO A 60 -21.00 -9.35 -8.86
CA PRO A 60 -21.98 -8.72 -9.77
C PRO A 60 -21.72 -9.09 -11.22
N SER A 61 -22.77 -9.17 -12.03
CA SER A 61 -22.62 -9.65 -13.39
C SER A 61 -22.15 -8.57 -14.36
N ARG A 62 -21.88 -7.39 -13.84
CA ARG A 62 -21.29 -6.35 -14.65
C ARG A 62 -19.82 -6.66 -14.94
N PHE A 63 -19.28 -7.65 -14.24
CA PHE A 63 -17.95 -8.19 -14.50
C PHE A 63 -18.02 -9.36 -15.48
N SER A 64 -17.16 -9.37 -16.49
CA SER A 64 -17.07 -10.51 -17.41
C SER A 64 -15.66 -10.76 -17.92
N GLY A 65 -15.40 -11.99 -18.34
CA GLY A 65 -14.08 -12.37 -18.82
C GLY A 65 -14.08 -12.85 -20.26
N SER A 66 -12.98 -12.63 -20.95
CA SER A 66 -12.88 -12.91 -22.38
C SER A 66 -11.47 -13.35 -22.75
N ALA A 67 -11.32 -14.04 -23.88
CA ALA A 67 -10.00 -14.47 -24.33
C ALA A 67 -9.87 -14.53 -25.84
N ALA A 68 -8.68 -14.17 -26.30
CA ALA A 68 -8.31 -14.26 -27.72
C ALA A 68 -6.81 -14.51 -27.82
N GLY A 69 -6.42 -15.61 -28.48
CA GLY A 69 -5.03 -15.97 -28.55
C GLY A 69 -4.40 -16.01 -27.17
N THR A 70 -3.32 -15.25 -26.95
CA THR A 70 -2.65 -15.29 -25.66
C THR A 70 -3.13 -14.18 -24.75
N ASP A 71 -4.11 -13.41 -25.22
CA ASP A 71 -4.64 -12.28 -24.44
C ASP A 71 -5.93 -12.64 -23.70
N PHE A 72 -5.97 -12.22 -22.44
CA PHE A 72 -7.15 -12.40 -21.58
C PHE A 72 -7.61 -11.04 -21.08
N THR A 73 -8.90 -10.74 -21.14
CA THR A 73 -9.32 -9.44 -20.64
C THR A 73 -10.55 -9.48 -19.75
N LEU A 74 -10.46 -8.65 -18.71
CA LEU A 74 -11.56 -8.36 -17.81
C LEU A 74 -12.33 -7.14 -18.32
N THR A 75 -13.65 -7.24 -18.42
CA THR A 75 -14.48 -6.08 -18.75
C THR A 75 -15.40 -5.68 -17.59
N ILE A 76 -15.42 -4.39 -17.27
CA ILE A 76 -16.36 -3.91 -16.25
C ILE A 76 -17.38 -2.96 -16.86
N GLY A 77 -18.64 -3.40 -16.95
CA GLY A 77 -19.71 -2.53 -17.39
C GLY A 77 -20.32 -1.70 -16.24
N ASN A 78 -20.92 -0.57 -16.57
CA ASN A 78 -21.61 0.30 -15.61
C ASN A 78 -20.78 0.53 -14.34
N LEU A 79 -19.63 1.14 -14.49
CA LEU A 79 -18.68 1.22 -13.43
C LEU A 79 -19.26 1.88 -12.21
N GLN A 80 -18.99 1.28 -11.08
CA GLN A 80 -19.63 1.60 -9.81
C GLN A 80 -18.58 2.06 -8.77
N ALA A 81 -19.01 2.78 -7.73
CA ALA A 81 -18.08 3.36 -6.77
C ALA A 81 -17.18 2.32 -6.09
N GLU A 82 -17.77 1.20 -5.67
CA GLU A 82 -17.01 0.15 -5.01
C GLU A 82 -16.03 -0.58 -5.93
N ASP A 83 -16.08 -0.29 -7.23
CA ASP A 83 -15.25 -1.00 -8.19
C ASP A 83 -13.84 -0.44 -8.27
N PHE A 84 -13.67 0.83 -7.91
CA PHE A 84 -12.36 1.46 -8.00
C PHE A 84 -11.36 0.77 -7.09
N GLY A 85 -10.10 0.70 -7.54
CA GLY A 85 -9.06 -0.05 -6.85
C GLY A 85 -8.12 -0.71 -7.82
N THR A 86 -7.47 -1.79 -7.38
CA THR A 86 -6.47 -2.46 -8.21
C THR A 86 -6.89 -3.87 -8.61
N PHE A 87 -6.68 -4.21 -9.89
CA PHE A 87 -7.07 -5.53 -10.39
C PHE A 87 -5.85 -6.31 -10.80
N TYR A 88 -5.88 -7.62 -10.56
CA TYR A 88 -4.81 -8.55 -10.91
C TYR A 88 -5.33 -9.72 -11.75
N CYS A 89 -4.56 -10.13 -12.76
CA CYS A 89 -4.77 -11.41 -13.43
C CYS A 89 -3.78 -12.48 -12.93
N GLN A 90 -4.19 -13.74 -12.99
CA GLN A 90 -3.37 -14.87 -12.54
C GLN A 90 -3.51 -16.05 -13.49
N GLN A 91 -2.41 -16.65 -13.93
CA GLN A 91 -2.54 -17.93 -14.63
C GLN A 91 -2.37 -19.06 -13.61
N TYR A 92 -3.19 -20.11 -13.70
CA TYR A 92 -2.90 -21.35 -12.96
C TYR A 92 -2.89 -22.53 -13.93
N ASP A 93 -2.32 -22.28 -15.11
CA ASP A 93 -2.18 -23.31 -16.13
C ASP A 93 -1.04 -24.24 -15.75
N THR A 94 0.08 -23.64 -15.34
CA THR A 94 1.26 -24.43 -15.06
C THR A 94 1.94 -23.95 -13.77
N TYR A 95 2.61 -24.88 -13.11
CA TYR A 95 3.21 -24.61 -11.82
C TYR A 95 4.51 -23.83 -12.00
N PRO A 96 4.71 -22.76 -11.20
CA PRO A 96 3.77 -22.22 -10.21
C PRO A 96 2.83 -21.17 -10.82
N GLY A 97 1.63 -21.05 -10.27
CA GLY A 97 0.74 -19.95 -10.62
C GLY A 97 1.45 -18.62 -10.47
N THR A 98 1.15 -17.67 -11.36
CA THR A 98 1.77 -16.35 -11.35
C THR A 98 0.76 -15.23 -11.65
N PHE A 99 1.06 -14.04 -11.14
CA PHE A 99 0.18 -12.89 -11.22
C PHE A 99 0.70 -11.79 -12.17
N GLY A 100 -0.20 -11.03 -12.77
CA GLY A 100 0.20 -9.82 -13.49
C GLY A 100 0.70 -8.77 -12.51
N GLN A 101 1.29 -7.68 -13.00
CA GLN A 101 1.80 -6.60 -12.15
C GLN A 101 0.68 -5.74 -11.57
N GLY A 102 -0.52 -5.84 -12.15
CA GLY A 102 -1.68 -5.15 -11.62
C GLY A 102 -2.13 -3.93 -12.40
N THR A 103 -3.40 -3.57 -12.27
CA THR A 103 -3.93 -2.36 -12.92
C THR A 103 -4.72 -1.50 -11.93
N LYS A 104 -4.32 -0.24 -11.78
CA LYS A 104 -5.03 0.69 -10.90
C LYS A 104 -6.14 1.43 -11.66
N VAL A 105 -7.36 1.34 -11.15
CA VAL A 105 -8.48 2.01 -11.78
C VAL A 105 -8.90 3.14 -10.85
N GLU A 106 -8.71 4.38 -11.27
CA GLU A 106 -9.02 5.55 -10.42
C GLU A 106 -10.10 6.45 -11.05
N VAL A 107 -10.56 7.45 -10.30
CA VAL A 107 -11.68 8.30 -10.74
C VAL A 107 -11.23 9.47 -11.63
N LYS A 108 -11.89 9.61 -12.77
CA LYS A 108 -11.67 10.71 -13.70
C LYS A 108 -12.19 12.03 -13.19
N ARG A 109 -11.46 13.09 -13.49
CA ARG A 109 -11.75 14.41 -12.98
C ARG A 109 -11.16 15.45 -13.91
N THR A 110 -11.63 16.68 -13.83
CA THR A 110 -10.99 17.77 -14.55
C THR A 110 -9.62 18.10 -13.96
N VAL A 111 -8.72 18.65 -14.78
CA VAL A 111 -7.39 19.01 -14.34
C VAL A 111 -7.44 20.08 -13.24
N ALA A 112 -6.64 19.90 -12.19
CA ALA A 112 -6.55 20.88 -11.10
C ALA A 112 -5.10 21.01 -10.67
N ALA A 113 -4.54 22.20 -10.83
CA ALA A 113 -3.16 22.44 -10.48
C ALA A 113 -2.94 22.42 -8.95
N PRO A 114 -1.81 21.87 -8.50
CA PRO A 114 -1.56 21.84 -7.05
C PRO A 114 -1.45 23.24 -6.47
N SER A 115 -1.94 23.44 -5.25
CA SER A 115 -1.49 24.56 -4.45
C SER A 115 -0.19 24.15 -3.77
N VAL A 116 0.86 24.98 -3.92
CA VAL A 116 2.20 24.59 -3.46
C VAL A 116 2.72 25.42 -2.28
N PHE A 117 3.24 24.72 -1.27
CA PHE A 117 3.72 25.35 -0.04
C PHE A 117 5.05 24.76 0.37
N ILE A 118 5.91 25.55 1.04
CA ILE A 118 7.22 25.06 1.45
C ILE A 118 7.49 25.44 2.90
N PHE A 119 7.99 24.50 3.70
CA PHE A 119 8.19 24.75 5.13
C PHE A 119 9.66 24.56 5.49
N PRO A 120 10.29 25.61 6.03
CA PRO A 120 11.66 25.48 6.52
C PRO A 120 11.71 24.63 7.79
N PRO A 121 12.89 24.10 8.14
CA PRO A 121 12.96 23.35 9.40
C PRO A 121 12.55 24.26 10.56
N SER A 122 11.87 23.70 11.56
CA SER A 122 11.50 24.49 12.73
C SER A 122 12.72 24.74 13.62
N ASP A 123 12.61 25.73 14.50
CA ASP A 123 13.73 26.00 15.39
C ASP A 123 13.89 24.85 16.37
N GLU A 124 12.78 24.23 16.74
CA GLU A 124 12.88 23.05 17.60
C GLU A 124 13.63 21.90 16.97
N GLN A 125 13.43 21.63 15.70
CA GLN A 125 14.18 20.54 15.08
C GLN A 125 15.67 20.90 14.95
N LEU A 126 15.95 22.14 14.59
CA LEU A 126 17.30 22.59 14.39
C LEU A 126 18.06 22.40 15.71
N LYS A 127 17.36 22.69 16.79
CA LYS A 127 17.90 22.53 18.15
C LYS A 127 18.26 21.07 18.47
N SER A 128 17.52 20.13 17.89
CA SER A 128 17.79 18.73 18.16
C SER A 128 18.81 18.15 17.19
N GLY A 129 19.39 19.00 16.35
CA GLY A 129 20.53 18.63 15.52
C GLY A 129 20.25 18.20 14.08
N THR A 130 18.98 18.21 13.67
CA THR A 130 18.60 17.81 12.31
C THR A 130 17.83 18.92 11.58
N ALA A 131 17.69 18.80 10.26
CA ALA A 131 16.95 19.76 9.47
C ALA A 131 16.16 19.03 8.36
N SER A 132 14.86 19.28 8.33
CA SER A 132 13.99 18.73 7.30
C SER A 132 13.27 19.88 6.61
N VAL A 133 13.39 19.95 5.28
CA VAL A 133 12.64 20.94 4.53
C VAL A 133 11.48 20.20 3.85
N VAL A 134 10.26 20.73 4.01
CA VAL A 134 9.08 20.03 3.49
C VAL A 134 8.36 20.87 2.42
N CYS A 135 8.02 20.24 1.31
CA CYS A 135 7.22 20.89 0.26
C CYS A 135 5.91 20.14 0.12
N LEU A 136 4.80 20.87 0.10
CA LEU A 136 3.47 20.28 0.00
C LEU A 136 2.82 20.67 -1.33
N LEU A 137 2.22 19.68 -1.98
CA LEU A 137 1.40 19.88 -3.19
C LEU A 137 -0.02 19.45 -2.86
N ASN A 138 -0.96 20.39 -2.85
CA ASN A 138 -2.26 20.11 -2.27
C ASN A 138 -3.36 20.03 -3.35
N ASN A 139 -4.20 19.01 -3.23
CA ASN A 139 -5.42 18.84 -4.05
C ASN A 139 -5.30 18.96 -5.57
N PHE A 140 -4.43 18.16 -6.18
CA PHE A 140 -4.24 18.25 -7.62
C PHE A 140 -4.70 17.02 -8.38
N TYR A 141 -4.97 17.20 -9.68
CA TYR A 141 -5.30 16.10 -10.57
C TYR A 141 -4.79 16.44 -11.97
N PRO A 142 -4.24 15.46 -12.71
CA PRO A 142 -3.98 14.06 -12.38
C PRO A 142 -2.81 13.88 -11.43
N ARG A 143 -2.58 12.63 -11.01
CA ARG A 143 -1.57 12.31 -10.00
C ARG A 143 -0.12 12.55 -10.42
N GLU A 144 0.14 12.51 -11.73
CA GLU A 144 1.51 12.60 -12.20
C GLU A 144 2.10 13.97 -11.85
N ALA A 145 3.25 13.96 -11.15
CA ALA A 145 3.86 15.20 -10.71
C ALA A 145 5.35 15.01 -10.53
N LYS A 146 6.10 16.07 -10.75
CA LYS A 146 7.52 16.07 -10.50
C LYS A 146 7.87 17.21 -9.57
N VAL A 147 8.64 16.90 -8.54
CA VAL A 147 9.19 17.94 -7.71
C VAL A 147 10.68 17.72 -7.57
N GLN A 148 11.43 18.80 -7.81
CA GLN A 148 12.88 18.80 -7.66
C GLN A 148 13.30 19.78 -6.60
N TRP A 149 14.33 19.39 -5.82
CA TRP A 149 14.90 20.26 -4.81
C TRP A 149 16.21 20.89 -5.27
N LYS A 150 16.33 22.18 -5.01
CA LYS A 150 17.56 22.91 -5.25
C LYS A 150 18.00 23.70 -4.03
N VAL A 151 19.27 23.57 -3.67
CA VAL A 151 19.85 24.42 -2.65
C VAL A 151 21.11 25.09 -3.18
N ASP A 152 21.18 26.41 -3.04
CA ASP A 152 22.30 27.22 -3.55
C ASP A 152 22.32 26.91 -5.07
N ASN A 153 21.15 26.65 -5.65
CA ASN A 153 20.96 26.32 -7.07
C ASN A 153 21.39 24.91 -7.52
N ALA A 154 21.75 24.05 -6.59
CA ALA A 154 22.32 22.74 -6.92
C ALA A 154 21.26 21.65 -6.82
N LEU A 155 21.05 20.90 -7.90
CA LEU A 155 20.05 19.83 -7.90
C LEU A 155 20.40 18.80 -6.85
N GLN A 156 19.38 18.38 -6.13
CA GLN A 156 19.54 17.51 -5.00
C GLN A 156 19.17 16.09 -5.38
N SER A 157 20.07 15.17 -5.14
CA SER A 157 19.86 13.76 -5.44
C SER A 157 20.09 12.86 -4.24
N GLY A 158 19.13 11.98 -4.00
CA GLY A 158 19.26 10.91 -3.03
C GLY A 158 19.02 11.27 -1.59
N ASN A 159 18.67 12.51 -1.30
CA ASN A 159 18.40 12.89 0.06
C ASN A 159 16.97 13.31 0.27
N SER A 160 16.09 12.90 -0.62
CA SER A 160 14.70 13.21 -0.47
C SER A 160 13.78 12.02 -0.65
N GLN A 161 12.59 12.18 -0.10
CA GLN A 161 11.55 11.15 -0.12
C GLN A 161 10.16 11.77 -0.29
N GLU A 162 9.27 11.07 -0.99
CA GLU A 162 7.93 11.58 -1.27
C GLU A 162 6.86 10.68 -0.69
N SER A 163 5.68 11.25 -0.44
CA SER A 163 4.54 10.49 0.06
C SER A 163 3.28 11.05 -0.58
N VAL A 164 2.41 10.15 -1.03
CA VAL A 164 1.17 10.55 -1.72
C VAL A 164 -0.05 9.95 -1.04
N THR A 165 -1.10 10.76 -0.88
CA THR A 165 -2.33 10.28 -0.29
C THR A 165 -3.10 9.41 -1.30
N GLU A 166 -4.08 8.67 -0.82
CA GLU A 166 -5.02 7.98 -1.70
C GLU A 166 -5.92 9.02 -2.36
N GLN A 167 -6.52 8.67 -3.49
CA GLN A 167 -7.42 9.59 -4.16
C GLN A 167 -8.55 9.96 -3.19
N ASP A 168 -8.83 11.25 -3.03
CA ASP A 168 -9.82 11.69 -2.05
C ASP A 168 -11.23 11.25 -2.44
N SER A 169 -11.99 10.74 -1.47
CA SER A 169 -13.29 10.15 -1.80
C SER A 169 -14.32 11.18 -2.29
N LYS A 170 -14.09 12.46 -1.99
CA LYS A 170 -15.08 13.50 -2.24
C LYS A 170 -14.75 14.42 -3.41
N ASP A 171 -13.49 14.82 -3.56
CA ASP A 171 -13.13 15.71 -4.67
C ASP A 171 -12.22 15.04 -5.70
N SER A 172 -11.90 13.76 -5.44
CA SER A 172 -11.11 12.94 -6.35
C SER A 172 -9.73 13.51 -6.69
N THR A 173 -9.17 14.33 -5.79
CA THR A 173 -7.81 14.85 -5.97
C THR A 173 -6.80 14.11 -5.14
N TYR A 174 -5.51 14.38 -5.41
CA TYR A 174 -4.40 13.80 -4.67
C TYR A 174 -3.68 14.91 -3.93
N SER A 175 -2.95 14.54 -2.89
CA SER A 175 -2.03 15.48 -2.24
C SER A 175 -0.71 14.78 -2.02
N LEU A 176 0.39 15.54 -2.06
CA LEU A 176 1.70 14.91 -2.01
C LEU A 176 2.68 15.73 -1.18
N SER A 177 3.48 15.02 -0.41
CA SER A 177 4.57 15.59 0.36
C SER A 177 5.94 15.17 -0.17
N SER A 178 6.88 16.10 -0.15
CA SER A 178 8.28 15.80 -0.43
C SER A 178 9.13 16.40 0.69
N THR A 179 10.00 15.59 1.26
CA THR A 179 10.81 15.98 2.42
C THR A 179 12.29 15.90 2.05
N LEU A 180 12.99 17.02 2.14
CA LEU A 180 14.42 17.07 1.92
C LEU A 180 15.13 17.03 3.29
N THR A 181 16.02 16.07 3.48
CA THR A 181 16.68 15.96 4.78
C THR A 181 18.20 16.14 4.66
N LEU A 182 18.75 16.90 5.60
CA LEU A 182 20.19 17.10 5.64
C LEU A 182 20.65 17.49 7.03
N SER A 183 21.95 17.39 7.27
CA SER A 183 22.48 17.66 8.59
C SER A 183 22.26 19.11 8.93
N LYS A 184 22.21 19.40 10.21
CA LYS A 184 22.10 20.75 10.68
C LYS A 184 23.27 21.58 10.11
N ALA A 185 24.45 20.96 10.06
CA ALA A 185 25.65 21.56 9.49
C ALA A 185 25.47 22.11 8.07
N ASP A 186 25.08 21.28 7.10
CA ASP A 186 24.90 21.79 5.72
C ASP A 186 23.76 22.78 5.61
N TYR A 187 22.68 22.56 6.37
CA TYR A 187 21.55 23.48 6.33
C TYR A 187 22.00 24.90 6.64
N GLU A 188 22.82 25.04 7.67
CA GLU A 188 23.26 26.34 8.13
C GLU A 188 24.26 26.98 7.18
N LYS A 189 24.84 26.16 6.31
CA LYS A 189 25.85 26.66 5.38
C LYS A 189 25.26 27.43 4.21
N HIS A 190 24.17 26.93 3.62
CA HIS A 190 23.69 27.48 2.35
C HIS A 190 22.54 28.47 2.53
N LYS A 191 22.24 29.26 1.49
CA LYS A 191 21.31 30.38 1.63
C LYS A 191 19.90 30.13 1.13
N VAL A 192 19.76 29.63 -0.10
CA VAL A 192 18.44 29.55 -0.70
C VAL A 192 17.97 28.12 -0.92
N TYR A 193 16.75 27.86 -0.47
CA TYR A 193 16.14 26.53 -0.59
C TYR A 193 14.92 26.63 -1.49
N ALA A 194 14.83 25.77 -2.49
CA ALA A 194 13.77 25.86 -3.51
C ALA A 194 13.15 24.49 -3.83
N CYS A 195 11.82 24.49 -3.98
CA CYS A 195 10.98 23.37 -4.44
C CYS A 195 10.46 23.72 -5.83
N GLU A 196 10.76 22.90 -6.82
CA GLU A 196 10.34 23.15 -8.21
C GLU A 196 9.33 22.08 -8.66
N VAL A 197 8.10 22.47 -8.97
CA VAL A 197 7.08 21.48 -9.30
C VAL A 197 6.58 21.63 -10.74
N THR A 198 6.45 20.50 -11.41
CA THR A 198 5.94 20.47 -12.77
C THR A 198 4.69 19.59 -12.81
N HIS A 199 3.64 20.08 -13.46
CA HIS A 199 2.34 19.41 -13.46
C HIS A 199 1.55 19.92 -14.64
N GLN A 200 0.64 19.09 -15.15
CA GLN A 200 -0.12 19.42 -16.34
C GLN A 200 -0.96 20.69 -16.14
N GLY A 201 -1.49 20.87 -14.93
CA GLY A 201 -2.31 22.02 -14.62
C GLY A 201 -1.54 23.33 -14.62
N LEU A 202 -0.22 23.25 -14.61
CA LEU A 202 0.65 24.43 -14.50
C LEU A 202 1.21 24.81 -15.85
N SER A 203 0.89 26.01 -16.33
CA SER A 203 1.35 26.42 -17.66
C SER A 203 2.87 26.43 -17.74
N SER A 204 3.51 26.47 -16.57
CA SER A 204 4.96 26.49 -16.47
C SER A 204 5.37 26.06 -15.06
N PRO A 205 6.50 25.34 -14.94
CA PRO A 205 7.04 24.82 -13.67
C PRO A 205 7.12 25.88 -12.59
N VAL A 206 6.48 25.64 -11.45
CA VAL A 206 6.41 26.62 -10.38
C VAL A 206 7.48 26.35 -9.32
N THR A 207 8.13 27.42 -8.88
CA THR A 207 9.14 27.35 -7.86
C THR A 207 8.71 28.11 -6.61
N LYS A 208 8.60 27.40 -5.50
CA LYS A 208 8.47 28.05 -4.20
C LYS A 208 9.82 27.98 -3.47
N SER A 209 10.26 29.11 -2.90
CA SER A 209 11.58 29.16 -2.28
C SER A 209 11.64 30.02 -1.00
N PHE A 210 12.70 29.83 -0.23
CA PHE A 210 12.99 30.77 0.85
C PHE A 210 14.50 30.96 1.07
N ASN A 211 14.88 32.07 1.68
CA ASN A 211 16.25 32.30 2.16
C ASN A 211 16.35 32.02 3.65
N ARG A 212 17.29 31.20 4.04
CA ARG A 212 17.42 30.83 5.42
C ARG A 212 17.45 32.05 6.31
N GLY A 213 16.64 32.03 7.36
CA GLY A 213 16.57 33.10 8.34
C GLY A 213 15.61 34.27 8.14
N GLU A 214 14.85 34.28 7.05
CA GLU A 214 13.84 35.28 6.83
C GLU A 214 12.70 35.07 7.83
N GLN B 1 -20.29 -20.18 5.98
CA GLN B 1 -19.53 -19.06 5.43
C GLN B 1 -18.06 -19.08 5.89
N ILE B 2 -17.13 -19.03 4.94
CA ILE B 2 -15.71 -19.17 5.27
C ILE B 2 -15.09 -17.82 5.64
N HIS B 3 -14.50 -17.78 6.83
CA HIS B 3 -13.70 -16.66 7.25
C HIS B 3 -12.36 -17.24 7.63
N LEU B 4 -11.30 -16.75 7.02
CA LEU B 4 -9.96 -17.17 7.39
C LEU B 4 -9.32 -16.12 8.30
N VAL B 5 -8.87 -16.53 9.49
CA VAL B 5 -8.38 -15.59 10.48
C VAL B 5 -6.91 -15.87 10.78
N GLN B 6 -6.06 -14.94 10.34
CA GLN B 6 -4.62 -15.10 10.44
C GLN B 6 -4.08 -14.54 11.76
N SER B 7 -2.89 -14.97 12.15
CA SER B 7 -2.26 -14.49 13.38
C SER B 7 -1.83 -13.02 13.18
N GLY B 8 -1.49 -12.34 14.27
CA GLY B 8 -1.21 -10.91 14.19
C GLY B 8 0.17 -10.50 13.66
N THR B 9 0.35 -9.20 13.46
CA THR B 9 1.61 -8.63 12.96
C THR B 9 2.81 -9.02 13.81
N GLU B 10 3.94 -9.26 13.15
CA GLU B 10 5.19 -9.56 13.85
C GLU B 10 6.33 -8.71 13.30
N VAL B 11 7.22 -8.32 14.20
CA VAL B 11 8.42 -7.57 13.89
C VAL B 11 9.60 -8.48 14.23
N LYS B 12 10.40 -8.81 13.23
CA LYS B 12 11.38 -9.87 13.40
C LYS B 12 12.79 -9.43 12.98
N LYS B 13 13.78 -9.87 13.77
CA LYS B 13 15.18 -9.59 13.46
C LYS B 13 15.69 -10.48 12.33
N PRO B 14 16.60 -9.93 11.50
CA PRO B 14 17.22 -10.72 10.42
C PRO B 14 17.89 -11.98 10.97
N GLY B 15 17.73 -13.11 10.29
CA GLY B 15 18.35 -14.35 10.72
C GLY B 15 17.38 -15.17 11.56
N SER B 16 16.36 -14.50 12.06
CA SER B 16 15.37 -15.16 12.91
C SER B 16 14.40 -15.99 12.07
N SER B 17 13.58 -16.78 12.75
CA SER B 17 12.53 -17.51 12.06
C SER B 17 11.17 -17.16 12.67
N VAL B 18 10.11 -17.31 11.89
CA VAL B 18 8.76 -16.98 12.36
C VAL B 18 7.74 -18.01 11.81
N THR B 19 6.65 -18.20 12.54
CA THR B 19 5.54 -19.08 12.13
C THR B 19 4.22 -18.29 12.13
N VAL B 20 3.56 -18.20 11.00
CA VAL B 20 2.29 -17.49 10.95
C VAL B 20 1.15 -18.49 10.83
N SER B 21 0.01 -18.16 11.43
CA SER B 21 -1.06 -19.12 11.60
C SER B 21 -2.32 -18.70 10.86
N CYS B 22 -3.17 -19.67 10.56
CA CYS B 22 -4.43 -19.38 9.86
C CYS B 22 -5.54 -20.32 10.34
N LYS B 23 -6.54 -19.75 11.01
CA LYS B 23 -7.70 -20.49 11.53
C LYS B 23 -8.82 -20.44 10.50
N ALA B 24 -9.20 -21.60 9.98
CA ALA B 24 -10.11 -21.67 8.84
C ALA B 24 -11.56 -21.92 9.25
N TYR B 25 -12.23 -20.89 9.78
CA TYR B 25 -13.63 -20.98 10.15
C TYR B 25 -14.50 -21.25 8.93
N GLY B 26 -15.34 -22.28 9.01
CA GLY B 26 -16.20 -22.63 7.88
C GLY B 26 -15.61 -23.74 7.05
N VAL B 27 -14.34 -24.07 7.31
CA VAL B 27 -13.70 -25.18 6.61
C VAL B 27 -13.79 -26.45 7.43
N ASN B 28 -14.50 -27.43 6.85
CA ASN B 28 -14.65 -28.78 7.35
C ASN B 28 -13.41 -29.56 7.73
N THR B 29 -12.58 -29.74 6.71
CA THR B 29 -11.40 -30.55 6.83
C THR B 29 -10.51 -30.21 5.67
N PHE B 30 -9.19 -30.18 5.92
CA PHE B 30 -8.24 -29.88 4.85
C PHE B 30 -8.13 -31.09 3.90
N GLY B 31 -8.90 -32.14 4.17
CA GLY B 31 -9.01 -33.24 3.24
C GLY B 31 -9.82 -32.84 2.02
N LEU B 32 -10.56 -31.73 2.12
CA LEU B 32 -11.46 -31.31 1.04
C LEU B 32 -11.16 -29.91 0.46
N TYR B 33 -10.29 -29.19 1.16
CA TYR B 33 -9.86 -27.83 0.81
C TYR B 33 -8.34 -27.77 0.74
N ALA B 34 -7.79 -27.15 -0.31
CA ALA B 34 -6.34 -26.94 -0.35
C ALA B 34 -6.01 -25.59 0.30
N VAL B 35 -4.85 -25.52 0.94
CA VAL B 35 -4.33 -24.24 1.42
C VAL B 35 -3.22 -23.77 0.52
N ASN B 36 -3.33 -22.55 0.02
CA ASN B 36 -2.23 -21.93 -0.70
C ASN B 36 -1.79 -20.64 0.00
N TRP B 37 -0.50 -20.52 0.31
CA TRP B 37 0.04 -19.28 0.87
C TRP B 37 0.65 -18.39 -0.20
N VAL B 38 0.49 -17.08 -0.02
CA VAL B 38 0.85 -16.06 -1.00
C VAL B 38 1.35 -14.83 -0.26
N ARG B 39 2.29 -14.08 -0.82
CA ARG B 39 2.75 -12.88 -0.13
C ARG B 39 2.79 -11.67 -1.07
N GLN B 40 2.70 -10.49 -0.47
CA GLN B 40 2.72 -9.24 -1.22
C GLN B 40 3.64 -8.20 -0.55
N ALA B 41 4.78 -7.94 -1.17
CA ALA B 41 5.70 -6.92 -0.66
C ALA B 41 5.12 -5.53 -0.92
N PRO B 42 5.48 -4.55 -0.12
CA PRO B 42 4.80 -3.26 -0.18
C PRO B 42 4.90 -2.62 -1.55
N GLY B 43 3.76 -2.17 -2.02
CA GLY B 43 3.66 -1.62 -3.34
C GLY B 43 4.06 -2.59 -4.43
N GLN B 44 3.90 -3.87 -4.20
CA GLN B 44 4.32 -4.89 -5.15
C GLN B 44 3.12 -5.73 -5.51
N SER B 45 3.30 -6.60 -6.47
CA SER B 45 2.29 -7.56 -6.85
C SER B 45 2.37 -8.83 -5.99
N LEU B 46 1.60 -9.84 -6.33
CA LEU B 46 1.52 -11.01 -5.48
C LEU B 46 2.37 -12.18 -5.96
N GLU B 47 2.91 -12.93 -5.01
CA GLU B 47 3.78 -14.06 -5.33
C GLU B 47 3.41 -15.31 -4.54
N TYR B 48 3.27 -16.42 -5.26
CA TYR B 48 2.98 -17.73 -4.70
C TYR B 48 4.12 -18.27 -3.87
N ILE B 49 3.80 -18.87 -2.72
CA ILE B 49 4.86 -19.41 -1.85
C ILE B 49 4.86 -20.93 -1.81
N GLY B 50 3.69 -21.51 -1.59
CA GLY B 50 3.58 -22.95 -1.44
C GLY B 50 2.18 -23.39 -1.01
N GLN B 51 1.99 -24.68 -0.80
CA GLN B 51 0.67 -25.23 -0.60
C GLN B 51 0.62 -26.49 0.25
N ILE B 52 -0.57 -26.81 0.75
CA ILE B 52 -0.82 -28.14 1.26
C ILE B 52 -2.13 -28.59 0.63
N TRP B 53 -2.06 -29.72 -0.06
CA TRP B 53 -3.15 -30.26 -0.86
C TRP B 53 -3.24 -31.74 -0.62
N ARG B 54 -4.40 -32.22 -0.17
CA ARG B 54 -4.57 -33.62 0.16
C ARG B 54 -3.55 -34.09 1.18
N TRP B 55 -3.28 -33.21 2.13
CA TRP B 55 -2.37 -33.50 3.21
C TRP B 55 -0.94 -33.57 2.71
N LYS B 56 -0.68 -33.07 1.52
CA LYS B 56 0.65 -33.11 0.96
C LYS B 56 1.14 -31.70 0.75
N SER B 57 2.28 -31.40 1.32
CA SER B 57 2.78 -30.02 1.28
C SER B 57 3.90 -29.85 0.27
N SER B 58 4.17 -28.60 -0.12
CA SER B 58 5.22 -28.30 -1.09
C SER B 58 5.41 -26.80 -1.24
N ALA B 59 6.55 -26.42 -1.81
CA ALA B 59 6.94 -25.02 -1.90
C ALA B 59 7.54 -24.69 -3.25
N SER B 60 7.27 -23.48 -3.73
CA SER B 60 7.81 -22.96 -4.99
C SER B 60 9.34 -22.89 -4.94
N HIS B 61 9.96 -22.97 -6.12
CA HIS B 61 11.41 -22.95 -6.30
C HIS B 61 12.12 -21.89 -5.44
N HIS B 62 11.60 -20.66 -5.50
CA HIS B 62 12.20 -19.52 -4.79
C HIS B 62 12.22 -19.71 -3.26
N PHE B 63 11.37 -20.59 -2.75
CA PHE B 63 11.26 -20.75 -1.30
C PHE B 63 11.63 -22.14 -0.77
N ARG B 64 11.89 -23.08 -1.66
CA ARG B 64 12.15 -24.44 -1.25
C ARG B 64 13.38 -24.53 -0.36
N GLY B 65 13.26 -25.29 0.72
CA GLY B 65 14.32 -25.47 1.70
C GLY B 65 14.29 -24.46 2.85
N ARG B 66 13.43 -23.45 2.72
CA ARG B 66 13.40 -22.34 3.67
C ARG B 66 12.04 -22.20 4.36
N VAL B 67 11.09 -23.01 3.93
CA VAL B 67 9.71 -22.85 4.34
C VAL B 67 9.09 -24.22 4.65
N LEU B 68 8.38 -24.31 5.77
CA LEU B 68 7.59 -25.51 6.11
C LEU B 68 6.12 -25.12 6.21
N ILE B 69 5.26 -25.85 5.50
CA ILE B 69 3.84 -25.59 5.56
C ILE B 69 3.11 -26.82 6.09
N SER B 70 2.25 -26.60 7.07
CA SER B 70 1.54 -27.68 7.75
C SER B 70 0.07 -27.33 7.92
N ALA B 71 -0.73 -28.35 8.23
CA ALA B 71 -2.17 -28.19 8.43
C ALA B 71 -2.66 -29.32 9.31
N VAL B 72 -3.63 -29.01 10.17
CA VAL B 72 -4.22 -29.99 11.07
C VAL B 72 -5.75 -29.74 11.23
N ASP B 73 -6.52 -30.80 11.20
CA ASP B 73 -7.95 -30.73 11.46
C ASP B 73 -8.26 -30.65 12.95
N LEU B 74 -9.15 -29.76 13.32
CA LEU B 74 -9.53 -29.58 14.71
C LEU B 74 -11.00 -29.29 14.79
N THR B 75 -11.56 -29.47 15.98
CA THR B 75 -12.95 -29.17 16.22
C THR B 75 -13.24 -28.68 17.64
N GLY B 76 -14.41 -28.12 17.86
CA GLY B 76 -14.75 -27.65 19.18
C GLY B 76 -14.00 -26.37 19.44
N SER B 77 -13.10 -26.41 20.40
CA SER B 77 -12.34 -25.23 20.74
C SER B 77 -11.80 -24.44 19.57
N SER B 78 -11.38 -25.11 18.52
CA SER B 78 -10.79 -24.44 17.35
C SER B 78 -11.26 -25.04 16.03
N PRO B 79 -11.33 -24.21 14.98
CA PRO B 79 -11.47 -24.71 13.61
C PRO B 79 -10.15 -25.29 13.14
N PRO B 80 -10.14 -25.93 11.96
CA PRO B 80 -8.89 -26.39 11.33
C PRO B 80 -7.88 -25.25 11.12
N ILE B 81 -6.61 -25.56 11.35
CA ILE B 81 -5.55 -24.57 11.28
C ILE B 81 -4.43 -24.96 10.31
N SER B 82 -3.97 -23.99 9.51
CA SER B 82 -2.73 -24.16 8.76
C SER B 82 -1.68 -23.15 9.23
N SER B 83 -0.41 -23.53 9.18
CA SER B 83 0.64 -22.57 9.51
C SER B 83 1.80 -22.58 8.50
N LEU B 84 2.51 -21.44 8.44
CA LEU B 84 3.64 -21.25 7.55
C LEU B 84 4.87 -20.87 8.35
N GLU B 85 5.90 -21.70 8.32
CA GLU B 85 7.17 -21.38 8.97
C GLU B 85 8.17 -20.87 7.95
N ILE B 86 8.82 -19.75 8.27
CA ILE B 86 9.87 -19.21 7.41
C ILE B 86 11.18 -19.09 8.19
N LYS B 87 12.24 -19.67 7.65
CA LYS B 87 13.55 -19.64 8.32
C LYS B 87 14.48 -18.57 7.72
N ASN B 88 15.49 -18.16 8.49
CA ASN B 88 16.48 -17.19 8.04
C ASN B 88 15.91 -15.94 7.38
N LEU B 89 15.06 -15.22 8.12
CA LEU B 89 14.43 -14.02 7.58
C LEU B 89 15.47 -12.97 7.16
N THR B 90 15.22 -12.33 6.02
CA THR B 90 15.97 -11.15 5.62
C THR B 90 15.00 -10.04 5.21
N SER B 91 15.54 -8.86 4.92
CA SER B 91 14.77 -7.68 4.54
C SER B 91 13.78 -7.90 3.40
N ASP B 92 14.10 -8.85 2.52
CA ASP B 92 13.26 -9.05 1.36
C ASP B 92 12.19 -10.08 1.66
N ASP B 93 12.02 -10.39 2.94
CA ASP B 93 10.93 -11.24 3.42
C ASP B 93 9.84 -10.36 4.00
N THR B 94 10.13 -9.09 4.17
CA THR B 94 9.14 -8.17 4.69
C THR B 94 7.99 -8.00 3.70
N ALA B 95 6.79 -8.39 4.12
CA ALA B 95 5.64 -8.39 3.25
C ALA B 95 4.39 -8.84 3.98
N VAL B 96 3.25 -8.71 3.32
CA VAL B 96 2.02 -9.22 3.85
C VAL B 96 1.82 -10.64 3.36
N TYR B 97 1.70 -11.57 4.30
CA TYR B 97 1.49 -12.97 3.96
C TYR B 97 0.01 -13.32 4.07
N PHE B 98 -0.55 -13.85 2.99
CA PHE B 98 -1.96 -14.25 2.95
C PHE B 98 -2.11 -15.77 2.96
N CYS B 99 -2.97 -16.26 3.85
CA CYS B 99 -3.40 -17.64 3.73
C CYS B 99 -4.64 -17.64 2.86
N THR B 100 -4.85 -18.74 2.16
CA THR B 100 -5.84 -18.80 1.10
C THR B 100 -6.36 -20.24 1.00
N THR B 101 -7.63 -20.40 0.68
CA THR B 101 -8.28 -21.71 0.66
C THR B 101 -9.12 -21.86 -0.63
N THR B 102 -9.15 -23.08 -1.19
CA THR B 102 -9.93 -23.40 -2.37
C THR B 102 -10.45 -24.83 -2.26
N SER B 103 -11.75 -25.04 -2.40
CA SER B 103 -12.27 -26.41 -2.28
C SER B 103 -11.78 -27.26 -3.44
N THR B 104 -11.40 -28.50 -3.14
CA THR B 104 -10.89 -29.45 -4.12
C THR B 104 -11.86 -30.63 -4.31
N TYR B 105 -13.00 -30.55 -3.61
CA TYR B 105 -13.99 -31.63 -3.61
C TYR B 105 -14.50 -32.02 -5.01
N ASP B 106 -14.80 -31.02 -5.84
CA ASP B 106 -15.35 -31.24 -7.17
C ASP B 106 -14.28 -31.14 -8.26
N LYS B 107 -13.87 -32.29 -8.79
CA LYS B 107 -12.84 -32.36 -9.83
C LYS B 107 -13.18 -31.49 -11.03
N TRP B 108 -14.45 -31.37 -11.35
CA TRP B 108 -14.86 -30.64 -12.53
C TRP B 108 -14.98 -29.12 -12.36
N SER B 109 -14.68 -28.60 -11.18
CA SER B 109 -15.02 -27.22 -10.85
C SER B 109 -14.40 -26.12 -11.70
N GLY B 110 -13.15 -26.29 -12.07
CA GLY B 110 -12.46 -25.24 -12.77
C GLY B 110 -11.75 -24.23 -11.90
N LEU B 111 -11.80 -24.41 -10.60
CA LEU B 111 -10.98 -23.60 -9.72
C LEU B 111 -9.57 -24.16 -9.65
N HIS B 112 -9.41 -25.40 -10.07
CA HIS B 112 -8.14 -26.07 -9.93
C HIS B 112 -7.75 -26.99 -11.07
N HIS B 113 -6.48 -27.03 -11.38
CA HIS B 113 -5.95 -27.79 -12.49
C HIS B 113 -4.73 -28.58 -12.03
N ASP B 114 -4.95 -29.82 -11.61
CA ASP B 114 -3.87 -30.69 -11.13
C ASP B 114 -2.94 -30.05 -10.11
N GLY B 115 -3.48 -29.48 -9.05
CA GLY B 115 -2.66 -28.91 -7.99
C GLY B 115 -2.33 -27.43 -8.14
N VAL B 116 -2.48 -26.89 -9.34
CA VAL B 116 -2.28 -25.46 -9.59
C VAL B 116 -3.65 -24.78 -9.61
N MET B 117 -3.85 -23.75 -8.78
CA MET B 117 -5.23 -23.28 -8.64
C MET B 117 -5.41 -21.78 -8.43
N ALA B 118 -6.66 -21.36 -8.64
CA ALA B 118 -7.16 -20.06 -8.24
C ALA B 118 -7.52 -20.11 -6.75
N PHE B 119 -7.56 -18.95 -6.12
CA PHE B 119 -7.72 -18.87 -4.67
C PHE B 119 -9.08 -18.25 -4.29
N SER B 120 -10.03 -19.08 -3.82
CA SER B 120 -11.40 -18.57 -3.63
C SER B 120 -11.67 -17.85 -2.29
N SER B 121 -10.92 -18.16 -1.24
CA SER B 121 -11.07 -17.42 0.04
C SER B 121 -9.72 -16.91 0.53
N TRP B 122 -9.71 -15.66 1.01
CA TRP B 122 -8.49 -15.02 1.50
C TRP B 122 -8.58 -14.61 2.97
N GLY B 123 -7.46 -14.70 3.70
CA GLY B 123 -7.38 -14.15 5.03
C GLY B 123 -7.13 -12.64 4.94
N GLN B 124 -7.17 -11.95 6.06
CA GLN B 124 -6.87 -10.53 6.12
C GLN B 124 -5.43 -10.24 5.77
N GLY B 125 -4.55 -11.20 5.98
CA GLY B 125 -3.12 -10.98 5.81
C GLY B 125 -2.40 -10.76 7.14
N THR B 126 -1.16 -11.14 7.22
CA THR B 126 -0.36 -10.76 8.35
C THR B 126 0.94 -10.08 7.90
N LEU B 127 1.19 -8.89 8.41
CA LEU B 127 2.44 -8.22 8.12
C LEU B 127 3.59 -8.84 8.91
N ILE B 128 4.60 -9.32 8.20
CA ILE B 128 5.89 -9.62 8.81
C ILE B 128 6.88 -8.55 8.38
N SER B 129 7.32 -7.74 9.33
CA SER B 129 8.29 -6.69 9.03
C SER B 129 9.66 -7.11 9.59
N VAL B 130 10.68 -7.18 8.74
CA VAL B 130 11.98 -7.68 9.17
C VAL B 130 12.93 -6.51 9.35
N SER B 131 13.45 -6.33 10.57
CA SER B 131 14.20 -5.13 10.93
C SER B 131 14.97 -5.31 12.24
N ALA B 132 16.14 -4.70 12.33
CA ALA B 132 16.89 -4.66 13.59
C ALA B 132 16.55 -3.46 14.48
N ALA B 133 15.62 -2.61 14.07
CA ALA B 133 15.28 -1.45 14.84
C ALA B 133 14.55 -1.81 16.13
N SER B 134 14.72 -1.02 17.15
CA SER B 134 14.03 -1.22 18.41
C SER B 134 13.00 -0.15 18.63
N THR B 135 12.01 -0.42 19.45
CA THR B 135 10.86 0.48 19.54
C THR B 135 11.32 1.83 20.03
N LYS B 136 10.76 2.86 19.42
CA LYS B 136 11.14 4.23 19.70
C LYS B 136 10.03 5.26 19.41
N GLY B 137 9.70 6.07 20.41
CA GLY B 137 8.70 7.12 20.24
C GLY B 137 9.18 8.27 19.37
N PRO B 138 8.24 8.94 18.68
CA PRO B 138 8.62 10.01 17.76
C PRO B 138 8.98 11.34 18.43
N SER B 139 9.73 12.18 17.71
CA SER B 139 9.73 13.62 17.94
C SER B 139 8.67 14.27 17.06
N VAL B 140 8.02 15.31 17.58
CA VAL B 140 7.01 16.04 16.82
C VAL B 140 7.42 17.50 16.62
N PHE B 141 7.45 17.95 15.36
CA PHE B 141 7.90 19.29 15.02
C PHE B 141 6.81 20.03 14.28
N PRO B 142 6.66 21.34 14.60
CA PRO B 142 5.64 22.19 13.97
C PRO B 142 6.01 22.58 12.54
N LEU B 143 5.01 22.59 11.68
CA LEU B 143 5.15 23.09 10.31
C LEU B 143 4.36 24.40 10.26
N ALA B 144 5.03 25.51 10.54
CA ALA B 144 4.32 26.77 10.74
C ALA B 144 3.96 27.50 9.45
N PRO B 145 2.81 28.18 9.42
CA PRO B 145 2.47 29.01 8.26
C PRO B 145 3.35 30.25 8.19
N THR B 154 -5.86 31.61 1.87
CA THR B 154 -5.68 30.21 2.28
C THR B 154 -4.24 29.88 2.66
N ALA B 155 -4.04 29.44 3.90
CA ALA B 155 -2.69 29.07 4.32
C ALA B 155 -2.58 27.59 4.67
N ALA B 156 -1.35 27.10 4.76
CA ALA B 156 -1.13 25.71 5.13
C ALA B 156 -0.23 25.62 6.35
N LEU B 157 -0.50 24.62 7.19
CA LEU B 157 0.30 24.37 8.38
C LEU B 157 0.19 22.90 8.73
N GLY B 158 1.07 22.44 9.62
CA GLY B 158 1.06 21.05 9.99
C GLY B 158 2.07 20.59 11.03
N CYS B 159 2.32 19.28 11.01
CA CYS B 159 3.22 18.62 11.96
C CYS B 159 4.07 17.56 11.29
N LEU B 160 5.35 17.54 11.65
CA LEU B 160 6.27 16.51 11.19
C LEU B 160 6.51 15.53 12.33
N VAL B 161 6.12 14.27 12.12
CA VAL B 161 6.25 13.24 13.16
C VAL B 161 7.40 12.33 12.78
N LYS B 162 8.55 12.55 13.41
CA LYS B 162 9.81 12.01 12.91
C LYS B 162 10.35 10.87 13.75
N ASP B 163 11.06 9.96 13.08
CA ASP B 163 11.92 8.94 13.68
C ASP B 163 11.35 7.97 14.69
N TYR B 164 10.26 7.30 14.34
CA TYR B 164 9.65 6.32 15.24
C TYR B 164 9.63 4.87 14.72
N PHE B 165 9.42 3.93 15.64
CA PHE B 165 9.35 2.52 15.31
C PHE B 165 8.64 1.74 16.42
N PRO B 166 7.75 0.82 16.04
CA PRO B 166 7.30 0.57 14.67
C PRO B 166 6.01 1.31 14.37
N GLU B 167 5.37 1.00 13.25
CA GLU B 167 4.06 1.56 12.92
C GLU B 167 3.00 1.00 13.86
N PRO B 168 1.88 1.68 14.08
CA PRO B 168 1.53 2.98 13.48
C PRO B 168 1.60 4.15 14.47
N VAL B 169 1.53 5.36 13.94
CA VAL B 169 1.17 6.49 14.77
C VAL B 169 -0.17 7.00 14.27
N THR B 170 -0.95 7.60 15.16
CA THR B 170 -2.19 8.23 14.75
C THR B 170 -2.12 9.73 15.01
N VAL B 171 -2.77 10.51 14.15
CA VAL B 171 -2.80 11.96 14.27
C VAL B 171 -4.21 12.50 14.13
N SER B 172 -4.68 13.24 15.13
CA SER B 172 -5.87 14.07 14.97
C SER B 172 -5.53 15.56 15.15
N TRP B 173 -6.46 16.44 14.79
CA TRP B 173 -6.27 17.87 15.03
C TRP B 173 -7.36 18.43 15.95
N ASN B 174 -6.92 19.22 16.94
CA ASN B 174 -7.81 19.83 17.93
C ASN B 174 -8.72 18.80 18.57
N SER B 175 -8.13 17.70 19.01
CA SER B 175 -8.85 16.58 19.62
C SER B 175 -9.99 16.07 18.74
N GLY B 176 -9.85 16.22 17.41
CA GLY B 176 -10.81 15.65 16.49
C GLY B 176 -11.83 16.64 15.94
N ALA B 177 -11.82 17.85 16.49
CA ALA B 177 -12.80 18.87 16.12
C ALA B 177 -12.51 19.49 14.76
N LEU B 178 -11.25 19.40 14.33
CA LEU B 178 -10.86 19.86 12.99
C LEU B 178 -10.52 18.69 12.07
N THR B 179 -11.39 18.42 11.09
CA THR B 179 -11.15 17.31 10.16
C THR B 179 -11.19 17.71 8.70
N SER B 180 -11.90 18.80 8.40
CA SER B 180 -11.99 19.30 7.03
C SER B 180 -10.67 19.91 6.56
N GLY B 181 -10.13 19.39 5.46
CA GLY B 181 -8.94 19.94 4.84
C GLY B 181 -7.67 19.33 5.40
N VAL B 182 -7.84 18.33 6.26
CA VAL B 182 -6.71 17.62 6.83
C VAL B 182 -6.22 16.48 5.94
N HIS B 183 -4.90 16.45 5.70
CA HIS B 183 -4.21 15.38 4.99
C HIS B 183 -3.08 14.77 5.84
N THR B 184 -3.25 13.52 6.24
CA THR B 184 -2.20 12.81 6.95
C THR B 184 -1.58 11.76 6.02
N PHE B 185 -0.31 11.97 5.67
CA PHE B 185 0.36 11.17 4.65
C PHE B 185 0.80 9.81 5.15
N PRO B 186 0.84 8.80 4.24
CA PRO B 186 1.41 7.52 4.64
C PRO B 186 2.85 7.71 5.12
N ALA B 187 3.23 6.95 6.14
CA ALA B 187 4.59 6.97 6.66
C ALA B 187 5.58 6.54 5.58
N VAL B 188 6.78 7.09 5.63
CA VAL B 188 7.87 6.62 4.79
C VAL B 188 8.94 6.00 5.66
N LEU B 189 9.69 5.05 5.10
CA LEU B 189 10.77 4.40 5.83
C LEU B 189 12.08 5.06 5.42
N GLN B 190 12.79 5.61 6.38
CA GLN B 190 13.99 6.39 6.07
C GLN B 190 15.19 5.45 5.96
N SER B 191 16.33 5.98 5.58
CA SER B 191 17.56 5.20 5.49
C SER B 191 18.01 4.68 6.84
N SER B 192 17.59 5.34 7.90
CA SER B 192 17.92 4.95 9.26
C SER B 192 17.13 3.78 9.79
N GLY B 193 16.24 3.27 8.96
CA GLY B 193 15.30 2.26 9.32
C GLY B 193 14.20 2.66 10.28
N LEU B 194 14.06 3.95 10.52
CA LEU B 194 12.95 4.48 11.29
C LEU B 194 11.93 5.16 10.37
N TYR B 195 10.69 5.23 10.81
CA TYR B 195 9.64 5.89 10.02
C TYR B 195 9.52 7.38 10.31
N SER B 196 8.93 8.08 9.37
CA SER B 196 8.55 9.46 9.53
C SER B 196 7.27 9.73 8.71
N LEU B 197 6.41 10.60 9.21
CA LEU B 197 5.25 11.07 8.45
C LEU B 197 4.98 12.51 8.75
N SER B 198 4.21 13.14 7.88
CA SER B 198 3.70 14.45 8.23
C SER B 198 2.17 14.49 8.08
N SER B 199 1.58 15.45 8.79
CA SER B 199 0.15 15.75 8.71
C SER B 199 -0.01 17.23 8.45
N VAL B 200 -0.84 17.59 7.47
CA VAL B 200 -1.07 19.00 7.14
C VAL B 200 -2.55 19.39 7.08
N VAL B 201 -2.81 20.68 7.25
CA VAL B 201 -4.17 21.23 7.14
C VAL B 201 -4.12 22.53 6.34
N THR B 202 -5.12 22.76 5.49
CA THR B 202 -5.27 24.06 4.87
C THR B 202 -6.40 24.82 5.55
N VAL B 203 -6.14 26.10 5.83
CA VAL B 203 -7.06 26.95 6.56
C VAL B 203 -7.09 28.35 5.93
N PRO B 204 -8.16 29.13 6.19
CA PRO B 204 -8.16 30.51 5.69
C PRO B 204 -7.10 31.35 6.40
N SER B 205 -6.36 32.15 5.64
CA SER B 205 -5.31 32.97 6.21
C SER B 205 -5.81 33.91 7.30
N SER B 206 -7.08 34.30 7.20
CA SER B 206 -7.65 35.30 8.11
C SER B 206 -7.67 34.87 9.57
N SER B 207 -7.94 33.59 9.82
CA SER B 207 -8.13 33.08 11.17
C SER B 207 -6.83 32.74 11.90
N LEU B 208 -5.71 32.98 11.24
CA LEU B 208 -4.42 32.48 11.70
C LEU B 208 -4.00 32.99 13.06
N GLY B 209 -4.44 34.17 13.42
CA GLY B 209 -4.07 34.73 14.71
C GLY B 209 -5.23 34.62 15.69
N THR B 210 -6.36 34.13 15.20
CA THR B 210 -7.62 34.07 15.95
C THR B 210 -7.93 32.65 16.40
N GLN B 211 -7.45 31.69 15.62
CA GLN B 211 -7.78 30.30 15.86
C GLN B 211 -6.54 29.54 16.35
N THR B 212 -6.76 28.56 17.20
CA THR B 212 -5.70 27.73 17.73
C THR B 212 -5.66 26.37 17.01
N TYR B 213 -4.47 25.91 16.64
CA TYR B 213 -4.31 24.62 15.96
C TYR B 213 -3.31 23.75 16.71
N ILE B 214 -3.75 22.58 17.15
CA ILE B 214 -2.85 21.66 17.81
C ILE B 214 -3.00 20.25 17.25
N CYS B 215 -1.87 19.61 16.96
CA CYS B 215 -1.93 18.25 16.45
C CYS B 215 -1.68 17.28 17.58
N ASN B 216 -2.57 16.30 17.70
CA ASN B 216 -2.52 15.27 18.74
C ASN B 216 -1.93 14.00 18.14
N VAL B 217 -0.73 13.64 18.60
CA VAL B 217 0.00 12.50 18.08
C VAL B 217 0.02 11.35 19.09
N ASN B 218 -0.26 10.14 18.61
CA ASN B 218 -0.30 8.98 19.49
C ASN B 218 0.52 7.82 18.92
N HIS B 219 1.55 7.42 19.66
CA HIS B 219 2.35 6.24 19.31
C HIS B 219 2.21 5.24 20.45
N LYS B 220 1.30 4.29 20.27
CA LYS B 220 1.00 3.35 21.33
C LYS B 220 2.11 2.36 21.66
N PRO B 221 2.90 1.88 20.66
CA PRO B 221 3.92 0.88 21.03
C PRO B 221 4.99 1.40 21.99
N SER B 222 5.18 2.72 22.05
CA SER B 222 6.16 3.32 22.96
C SER B 222 5.44 4.05 24.10
N ASN B 223 4.12 3.95 24.10
CA ASN B 223 3.25 4.64 25.06
C ASN B 223 3.47 6.15 25.04
N THR B 224 3.61 6.70 23.85
CA THR B 224 3.94 8.12 23.72
C THR B 224 2.73 8.88 23.23
N LYS B 225 2.43 9.99 23.88
CA LYS B 225 1.36 10.87 23.43
C LYS B 225 1.78 12.31 23.56
N VAL B 226 1.82 13.04 22.46
CA VAL B 226 2.15 14.45 22.53
C VAL B 226 1.07 15.31 21.89
N ASP B 227 0.95 16.52 22.40
CA ASP B 227 0.04 17.54 21.89
C ASP B 227 0.83 18.78 21.50
N LYS B 228 0.98 19.04 20.22
CA LYS B 228 1.78 20.16 19.80
C LYS B 228 1.00 21.32 19.21
N ARG B 229 1.11 22.47 19.86
CA ARG B 229 0.53 23.72 19.36
C ARG B 229 1.30 24.22 18.14
N VAL B 230 0.60 24.55 17.08
CA VAL B 230 1.25 25.09 15.91
C VAL B 230 0.96 26.57 15.68
N GLU B 231 1.95 27.40 15.94
CA GLU B 231 1.83 28.86 15.87
C GLU B 231 2.50 29.49 14.68
N PRO B 232 1.82 30.57 14.11
CA PRO B 232 2.65 31.36 13.20
C PRO B 232 3.86 31.93 13.92
C1 NAG C . 19.83 -20.82 7.28
C2 NAG C . 20.77 -21.03 8.49
C3 NAG C . 22.08 -21.67 8.04
C4 NAG C . 21.86 -22.77 7.00
C5 NAG C . 20.82 -22.30 5.98
C6 NAG C . 20.44 -23.28 4.90
C7 NAG C . 20.74 -19.59 10.49
C8 NAG C . 21.10 -18.24 11.07
N2 NAG C . 21.04 -19.79 9.21
O3 NAG C . 22.78 -22.15 9.18
O4 NAG C . 23.08 -23.01 6.31
O5 NAG C . 19.61 -22.00 6.68
O6 NAG C . 19.25 -22.80 4.26
O7 NAG C . 20.15 -20.44 11.15
#